data_7CL9
#
_entry.id   7CL9
#
_cell.length_a   54.600
_cell.length_b   80.130
_cell.length_c   120.630
_cell.angle_alpha   90.00
_cell.angle_beta   90.00
_cell.angle_gamma   90.00
#
_symmetry.space_group_name_H-M   'P 21 21 21'
#
loop_
_entity.id
_entity.type
_entity.pdbx_description
1 polymer 'Cytochrome P450 hydroxylase'
2 non-polymer 'PROTOPORPHYRIN IX CONTAINING FE'
3 non-polymer 4-ANDROSTENE-3-17-DIONE
4 non-polymer DI(HYDROXYETHYL)ETHER
5 water water
#
_entity_poly.entity_id   1
_entity_poly.type   'polypeptide(L)'
_entity_poly.pdbx_seq_one_letter_code
;MTTRIALDPFVSDLEAESAALRAAGPLAAVELPGGVPVWAVTHHAEAKKLLTDPRLVKDINVWGAWQRGEIAPDWPLIGL
ANPGRSMLTVDGADHRRMRTLVAQALTPRRVEQMRERITKLTEELLDRLTGEVVDLKADFAYPLPMYVVADLMGIDEARL
PRLGELFEKFFSTQTPPAEVIATLTELAGIMAETVAAKRAAPGDDLTSALILASEDGDHLTDAEIVSTLQLMVAAGHETT
ISLIVNAVVNLSTHPEQRALVLSGEADWSSVVEETLRYSTPTSHVLIRFATEDVPVGDKVLPAGDALIVSYGALGRDEAA
HGPTAGEFDITRSTENRHISFGHGPHVCPGAALSRLEAGVALPALYARFPKLDLAVPAAELRNKPVVTQNDLFELPVRLG
;
_entity_poly.pdbx_strand_id   A
#
loop_
_chem_comp.id
_chem_comp.type
_chem_comp.name
_chem_comp.formula
ASD non-polymer 4-ANDROSTENE-3-17-DIONE 'C19 H26 O2'
HEM non-polymer 'PROTOPORPHYRIN IX CONTAINING FE' 'C34 H32 Fe N4 O4'
PEG non-polymer DI(HYDROXYETHYL)ETHER 'C4 H10 O3'
#
# COMPACT_ATOMS: atom_id res chain seq x y z
N THR A 3 -2.14 -28.45 -9.23
CA THR A 3 -2.52 -28.17 -7.80
C THR A 3 -2.30 -26.68 -7.49
N ARG A 4 -2.22 -25.84 -8.53
CA ARG A 4 -1.74 -24.44 -8.53
C ARG A 4 -2.94 -23.48 -8.52
N ILE A 5 -3.08 -22.66 -7.47
CA ILE A 5 -4.20 -21.68 -7.31
C ILE A 5 -4.03 -20.52 -8.29
N ALA A 6 -4.88 -20.44 -9.32
CA ALA A 6 -4.92 -19.25 -10.21
C ALA A 6 -5.62 -18.12 -9.46
N LEU A 7 -4.97 -16.97 -9.32
CA LEU A 7 -5.55 -15.80 -8.63
C LEU A 7 -6.57 -15.17 -9.57
N ASP A 8 -7.77 -14.93 -9.06
CA ASP A 8 -8.87 -14.34 -9.87
C ASP A 8 -8.48 -12.89 -10.17
N PRO A 9 -8.19 -12.53 -11.44
CA PRO A 9 -7.86 -11.16 -11.79
C PRO A 9 -9.00 -10.12 -11.70
N PHE A 10 -10.25 -10.55 -11.56
CA PHE A 10 -11.43 -9.67 -11.36
C PHE A 10 -11.65 -9.48 -9.87
N VAL A 11 -11.02 -10.34 -9.07
CA VAL A 11 -11.06 -10.38 -7.57
C VAL A 11 -12.54 -10.53 -7.16
N SER A 12 -13.22 -11.48 -7.79
CA SER A 12 -14.65 -11.82 -7.58
C SER A 12 -14.88 -12.34 -6.16
N ASP A 13 -13.87 -12.95 -5.53
CA ASP A 13 -14.07 -13.61 -4.21
C ASP A 13 -12.76 -13.66 -3.43
N LEU A 14 -12.20 -12.49 -3.12
CA LEU A 14 -10.97 -12.34 -2.29
C LEU A 14 -11.04 -13.24 -1.05
N GLU A 15 -12.17 -13.27 -0.34
CA GLU A 15 -12.29 -13.99 0.96
C GLU A 15 -11.94 -15.47 0.82
N ALA A 16 -12.41 -16.11 -0.27
CA ALA A 16 -12.26 -17.56 -0.51
C ALA A 16 -10.81 -17.83 -0.94
N GLU A 17 -10.36 -17.05 -1.93
CA GLU A 17 -9.00 -17.08 -2.51
C GLU A 17 -7.99 -16.98 -1.35
N SER A 18 -8.18 -16.04 -0.40
CA SER A 18 -7.31 -15.90 0.80
C SER A 18 -7.38 -17.16 1.67
N ALA A 19 -8.55 -17.79 1.80
CA ALA A 19 -8.69 -19.05 2.59
C ALA A 19 -7.98 -20.20 1.85
N ALA A 20 -8.07 -20.24 0.51
CA ALA A 20 -7.39 -21.25 -0.31
C ALA A 20 -5.86 -21.11 -0.13
N LEU A 21 -5.34 -19.86 -0.24
CA LEU A 21 -3.90 -19.58 -0.13
C LEU A 21 -3.39 -20.03 1.24
N ARG A 22 -4.11 -19.73 2.31
CA ARG A 22 -3.70 -20.16 3.68
C ARG A 22 -3.65 -21.69 3.77
N ALA A 23 -4.63 -22.35 3.12
CA ALA A 23 -4.83 -23.82 3.14
C ALA A 23 -3.58 -24.45 2.50
N ALA A 24 -3.22 -23.95 1.31
CA ALA A 24 -2.09 -24.47 0.49
C ALA A 24 -0.73 -24.19 1.18
N GLY A 25 -0.72 -24.09 2.51
CA GLY A 25 0.47 -24.38 3.35
C GLY A 25 1.32 -23.14 3.27
N PRO A 26 2.47 -23.05 3.98
CA PRO A 26 3.26 -21.81 3.98
C PRO A 26 3.72 -21.41 2.57
N LEU A 27 4.15 -22.35 1.71
CA LEU A 27 4.55 -22.02 0.31
C LEU A 27 3.53 -22.63 -0.66
N ALA A 28 2.69 -21.80 -1.28
CA ALA A 28 1.57 -22.24 -2.15
C ALA A 28 1.96 -22.03 -3.60
N ALA A 29 1.83 -23.06 -4.45
CA ALA A 29 2.02 -22.85 -5.89
C ALA A 29 0.84 -22.03 -6.38
N VAL A 30 1.09 -20.97 -7.13
CA VAL A 30 -0.04 -20.12 -7.63
C VAL A 30 0.27 -19.81 -9.08
N GLU A 31 -0.76 -19.31 -9.75
CA GLU A 31 -0.64 -18.79 -11.11
C GLU A 31 -1.16 -17.36 -11.09
N LEU A 32 -0.41 -16.45 -11.68
CA LEU A 32 -0.75 -15.03 -11.83
C LEU A 32 -1.53 -14.83 -13.12
N PRO A 33 -2.47 -13.87 -13.14
CA PRO A 33 -3.17 -13.51 -14.38
C PRO A 33 -2.20 -13.61 -15.55
N GLY A 34 -2.56 -14.42 -16.56
CA GLY A 34 -1.85 -14.51 -17.84
C GLY A 34 -0.92 -15.72 -17.90
N GLY A 35 -1.17 -16.73 -17.05
CA GLY A 35 -0.54 -18.06 -17.10
C GLY A 35 0.83 -18.15 -16.42
N VAL A 36 1.27 -17.13 -15.68
CA VAL A 36 2.67 -17.04 -15.14
C VAL A 36 2.72 -17.73 -13.78
N PRO A 37 3.43 -18.87 -13.64
CA PRO A 37 3.51 -19.58 -12.37
C PRO A 37 4.55 -18.92 -11.43
N VAL A 38 4.28 -18.92 -10.13
CA VAL A 38 5.11 -18.30 -9.06
C VAL A 38 4.67 -19.02 -7.79
N TRP A 39 5.46 -18.91 -6.73
CA TRP A 39 5.16 -19.35 -5.36
C TRP A 39 4.60 -18.15 -4.59
N ALA A 40 3.78 -18.41 -3.59
CA ALA A 40 3.23 -17.39 -2.67
C ALA A 40 3.52 -17.88 -1.26
N VAL A 41 4.06 -17.01 -0.41
CA VAL A 41 4.20 -17.36 1.02
C VAL A 41 2.93 -16.81 1.67
N THR A 42 2.22 -17.65 2.42
CA THR A 42 0.81 -17.40 2.81
C THR A 42 0.63 -17.54 4.32
N HIS A 43 1.69 -17.87 5.05
CA HIS A 43 1.69 -17.91 6.53
C HIS A 43 2.66 -16.86 7.04
N HIS A 44 2.36 -16.29 8.20
CA HIS A 44 3.03 -15.14 8.85
C HIS A 44 4.47 -15.50 9.23
N ALA A 45 4.71 -16.56 10.00
CA ALA A 45 6.08 -16.81 10.48
C ALA A 45 7.03 -17.05 9.28
N GLU A 46 6.56 -17.75 8.27
CA GLU A 46 7.41 -18.11 7.09
C GLU A 46 7.66 -16.88 6.21
N ALA A 47 6.68 -15.99 6.08
CA ALA A 47 6.80 -14.73 5.33
C ALA A 47 7.90 -13.89 5.99
N LYS A 48 7.92 -13.78 7.32
CA LYS A 48 8.95 -13.01 8.06
C LYS A 48 10.35 -13.55 7.76
N LYS A 49 10.51 -14.87 7.70
CA LYS A 49 11.81 -15.53 7.48
C LYS A 49 12.27 -15.21 6.05
N LEU A 50 11.35 -15.23 5.09
CA LEU A 50 11.72 -15.02 3.68
C LEU A 50 12.02 -13.52 3.42
N LEU A 51 11.27 -12.63 4.07
CA LEU A 51 11.40 -11.16 3.96
C LEU A 51 12.79 -10.69 4.49
N THR A 52 13.42 -11.45 5.37
CA THR A 52 14.75 -11.16 5.92
C THR A 52 15.82 -12.07 5.33
N ASP A 53 15.49 -12.97 4.39
CA ASP A 53 16.45 -13.91 3.78
C ASP A 53 17.17 -13.22 2.60
N PRO A 54 18.49 -12.95 2.67
CA PRO A 54 19.14 -12.26 1.55
C PRO A 54 19.23 -13.13 0.27
N ARG A 55 18.80 -14.40 0.30
CA ARG A 55 18.69 -15.23 -0.93
C ARG A 55 17.44 -14.86 -1.75
N LEU A 56 16.48 -14.12 -1.18
CA LEU A 56 15.26 -13.66 -1.90
C LEU A 56 15.45 -12.19 -2.29
N VAL A 57 15.70 -11.92 -3.58
CA VAL A 57 16.15 -10.59 -4.07
C VAL A 57 15.12 -10.11 -5.07
N LYS A 58 15.10 -8.80 -5.29
CA LYS A 58 14.19 -8.12 -6.24
C LYS A 58 14.79 -8.17 -7.66
N ASP A 59 16.08 -8.42 -7.82
CA ASP A 59 16.81 -8.36 -9.13
C ASP A 59 16.17 -9.31 -10.15
N ILE A 60 15.51 -8.78 -11.17
CA ILE A 60 14.81 -9.60 -12.19
C ILE A 60 15.80 -10.47 -12.98
N ASN A 61 17.08 -10.17 -13.04
CA ASN A 61 18.08 -11.05 -13.71
C ASN A 61 18.05 -12.46 -13.13
N VAL A 62 17.58 -12.60 -11.89
CA VAL A 62 17.60 -13.89 -11.16
C VAL A 62 16.37 -14.69 -11.56
N TRP A 63 15.38 -14.07 -12.23
CA TRP A 63 14.13 -14.80 -12.55
C TRP A 63 14.41 -15.73 -13.73
N GLY A 64 14.36 -17.06 -13.55
CA GLY A 64 14.76 -17.98 -14.63
C GLY A 64 13.79 -17.92 -15.81
N ALA A 65 12.48 -17.98 -15.54
CA ALA A 65 11.40 -17.90 -16.55
C ALA A 65 11.61 -16.67 -17.43
N TRP A 66 12.04 -15.57 -16.83
CA TRP A 66 12.25 -14.27 -17.51
C TRP A 66 13.52 -14.32 -18.37
N GLN A 67 14.63 -14.81 -17.82
CA GLN A 67 15.90 -14.98 -18.57
C GLN A 67 15.67 -15.92 -19.76
N ARG A 68 14.81 -16.92 -19.64
CA ARG A 68 14.58 -17.94 -20.70
C ARG A 68 13.50 -17.47 -21.68
N GLY A 69 13.11 -16.18 -21.62
CA GLY A 69 12.09 -15.58 -22.52
C GLY A 69 10.74 -16.27 -22.46
N GLU A 70 10.39 -16.96 -21.36
CA GLU A 70 9.08 -17.64 -21.20
C GLU A 70 8.01 -16.66 -20.63
N ILE A 71 8.29 -15.35 -20.52
CA ILE A 71 7.35 -14.28 -20.05
C ILE A 71 7.09 -13.31 -21.22
N ALA A 72 5.84 -13.21 -21.69
CA ALA A 72 5.44 -12.32 -22.82
C ALA A 72 5.79 -10.88 -22.47
N PRO A 73 6.38 -10.10 -23.41
CA PRO A 73 6.80 -8.72 -23.10
C PRO A 73 5.63 -7.74 -22.85
N ASP A 74 4.39 -8.21 -23.05
CA ASP A 74 3.15 -7.39 -22.97
C ASP A 74 2.31 -7.89 -21.80
N TRP A 75 2.72 -8.98 -21.13
CA TRP A 75 2.13 -9.49 -19.85
C TRP A 75 1.62 -8.31 -19.02
N PRO A 76 0.31 -8.28 -18.65
CA PRO A 76 -0.27 -7.12 -17.96
C PRO A 76 0.44 -6.76 -16.65
N LEU A 77 1.10 -7.70 -15.96
CA LEU A 77 1.76 -7.45 -14.64
C LEU A 77 3.24 -7.13 -14.82
N ILE A 78 3.74 -6.91 -16.03
CA ILE A 78 5.20 -6.80 -16.25
C ILE A 78 5.74 -5.55 -15.56
N GLY A 79 4.93 -4.49 -15.43
CA GLY A 79 5.31 -3.20 -14.80
C GLY A 79 5.66 -3.39 -13.33
N LEU A 80 4.95 -4.30 -12.68
CA LEU A 80 5.18 -4.74 -11.28
C LEU A 80 6.45 -5.62 -11.15
N ALA A 81 6.62 -6.60 -12.04
CA ALA A 81 7.72 -7.59 -11.97
C ALA A 81 9.02 -6.91 -12.35
N ASN A 82 8.94 -5.92 -13.24
CA ASN A 82 10.13 -5.33 -13.87
C ASN A 82 9.94 -3.83 -13.95
N PRO A 83 10.09 -3.09 -12.83
CA PRO A 83 9.78 -1.66 -12.79
C PRO A 83 10.99 -0.75 -13.02
N GLY A 84 12.20 -1.29 -13.10
CA GLY A 84 13.39 -0.46 -13.36
C GLY A 84 14.10 -0.10 -12.06
N ARG A 85 14.79 1.05 -12.00
CA ARG A 85 15.70 1.35 -10.86
C ARG A 85 14.97 2.23 -9.86
N SER A 86 14.76 1.68 -8.68
CA SER A 86 14.44 2.45 -7.49
C SER A 86 14.92 1.69 -6.27
N MET A 87 14.77 2.33 -5.16
CA MET A 87 14.85 1.67 -3.85
C MET A 87 14.04 0.38 -3.87
N LEU A 88 12.94 0.29 -4.64
CA LEU A 88 12.05 -0.90 -4.62
C LEU A 88 12.83 -2.13 -5.07
N THR A 89 13.74 -1.98 -6.04
CA THR A 89 14.25 -3.13 -6.83
C THR A 89 15.74 -3.36 -6.54
N VAL A 90 16.24 -2.86 -5.43
CA VAL A 90 17.65 -3.15 -5.03
C VAL A 90 17.64 -3.87 -3.67
N ASP A 91 18.75 -4.54 -3.36
CA ASP A 91 18.97 -5.25 -2.07
C ASP A 91 20.39 -5.00 -1.62
N GLY A 92 20.73 -5.51 -0.46
CA GLY A 92 22.12 -5.44 0.04
C GLY A 92 22.57 -3.99 0.25
N ALA A 93 23.85 -3.72 0.02
CA ALA A 93 24.48 -2.42 0.37
C ALA A 93 23.79 -1.28 -0.42
N ASP A 94 23.40 -1.50 -1.66
CA ASP A 94 22.75 -0.45 -2.51
C ASP A 94 21.43 -0.04 -1.84
N HIS A 95 20.71 -1.02 -1.32
CA HIS A 95 19.38 -0.78 -0.69
C HIS A 95 19.58 -0.10 0.65
N ARG A 96 20.56 -0.54 1.43
CA ARG A 96 20.76 0.01 2.79
C ARG A 96 21.16 1.49 2.68
N ARG A 97 21.95 1.85 1.68
CA ARG A 97 22.30 3.29 1.43
C ARG A 97 21.01 4.11 1.25
N MET A 98 20.13 3.65 0.38
CA MET A 98 18.89 4.38 0.03
C MET A 98 18.03 4.51 1.27
N ARG A 99 17.86 3.41 2.01
CA ARG A 99 16.96 3.42 3.18
C ARG A 99 17.53 4.37 4.25
N THR A 100 18.85 4.43 4.39
CA THR A 100 19.51 5.30 5.41
C THR A 100 19.19 6.76 5.08
N LEU A 101 19.43 7.15 3.83
CA LEU A 101 19.20 8.56 3.36
C LEU A 101 17.71 8.91 3.40
N VAL A 102 16.84 8.02 2.94
CA VAL A 102 15.37 8.22 2.98
C VAL A 102 14.93 8.30 4.44
N ALA A 103 15.53 7.57 5.36
CA ALA A 103 15.03 7.59 6.76
C ALA A 103 15.37 8.94 7.40
N GLN A 104 16.41 9.62 6.92
CA GLN A 104 16.81 10.96 7.43
C GLN A 104 15.77 11.99 7.02
N ALA A 105 15.07 11.79 5.90
CA ALA A 105 14.08 12.76 5.36
C ALA A 105 12.67 12.46 5.86
N LEU A 106 12.16 11.23 5.63
CA LEU A 106 10.80 10.84 6.07
C LEU A 106 10.86 10.28 7.51
N THR A 107 11.07 11.14 8.47
CA THR A 107 11.25 10.77 9.90
C THR A 107 9.89 10.71 10.58
N PRO A 108 9.79 9.99 11.71
CA PRO A 108 8.59 10.04 12.54
C PRO A 108 8.18 11.48 12.92
N ARG A 109 9.17 12.32 13.20
CA ARG A 109 8.93 13.74 13.57
C ARG A 109 8.28 14.50 12.40
N ARG A 110 8.86 14.43 11.20
CA ARG A 110 8.31 15.07 9.99
C ARG A 110 6.87 14.61 9.79
N VAL A 111 6.55 13.34 9.96
CA VAL A 111 5.15 12.85 9.74
C VAL A 111 4.25 13.44 10.83
N GLU A 112 4.65 13.32 12.11
CA GLU A 112 3.83 13.82 13.26
C GLU A 112 3.50 15.31 13.07
N GLN A 113 4.42 16.09 12.51
CA GLN A 113 4.28 17.54 12.31
C GLN A 113 3.27 17.85 11.18
N MET A 114 2.85 16.84 10.39
CA MET A 114 1.76 16.98 9.39
C MET A 114 0.39 16.89 10.10
N ARG A 115 0.32 16.54 11.39
CA ARG A 115 -1.02 16.25 11.99
C ARG A 115 -2.00 17.41 11.73
N GLU A 116 -1.65 18.64 12.08
CA GLU A 116 -2.56 19.81 11.94
C GLU A 116 -2.95 20.00 10.46
N ARG A 117 -2.00 19.97 9.52
CA ARG A 117 -2.35 20.18 8.09
C ARG A 117 -3.33 19.09 7.61
N ILE A 118 -3.12 17.85 8.00
CA ILE A 118 -4.01 16.73 7.60
C ILE A 118 -5.40 16.97 8.19
N THR A 119 -5.44 17.46 9.43
CA THR A 119 -6.71 17.80 10.15
C THR A 119 -7.45 18.90 9.37
N LYS A 120 -6.78 19.95 8.91
CA LYS A 120 -7.42 21.03 8.09
C LYS A 120 -7.86 20.49 6.72
N LEU A 121 -7.03 19.70 6.05
CA LEU A 121 -7.44 19.08 4.75
C LEU A 121 -8.64 18.17 4.96
N THR A 122 -8.63 17.37 6.02
CA THR A 122 -9.78 16.48 6.35
C THR A 122 -11.06 17.34 6.53
N GLU A 123 -10.94 18.50 7.19
CA GLU A 123 -12.10 19.35 7.55
C GLU A 123 -12.70 19.93 6.26
N GLU A 124 -11.83 20.40 5.36
CA GLU A 124 -12.22 21.03 4.07
C GLU A 124 -12.94 19.98 3.20
N LEU A 125 -12.51 18.72 3.25
CA LEU A 125 -13.14 17.66 2.42
C LEU A 125 -14.50 17.33 3.04
N LEU A 126 -14.58 17.23 4.38
CA LEU A 126 -15.87 16.98 5.06
C LEU A 126 -16.86 18.13 4.77
N ASP A 127 -16.38 19.36 4.57
CA ASP A 127 -17.25 20.56 4.39
C ASP A 127 -17.94 20.50 3.03
N ARG A 128 -17.39 19.73 2.09
CA ARG A 128 -17.86 19.64 0.69
C ARG A 128 -18.85 18.48 0.56
N LEU A 129 -19.00 17.65 1.59
CA LEU A 129 -19.93 16.48 1.54
C LEU A 129 -21.37 16.99 1.69
N THR A 130 -22.18 16.85 0.64
CA THR A 130 -23.62 17.27 0.61
C THR A 130 -24.47 16.14 0.01
N GLY A 131 -25.76 16.12 0.35
CA GLY A 131 -26.69 15.03 -0.02
C GLY A 131 -26.72 14.00 1.09
N GLU A 132 -27.75 13.16 1.08
CA GLU A 132 -28.00 12.16 2.15
C GLU A 132 -27.14 10.92 1.91
N VAL A 133 -26.74 10.67 0.66
CA VAL A 133 -25.93 9.47 0.30
C VAL A 133 -24.78 9.90 -0.60
N VAL A 134 -23.55 9.55 -0.24
CA VAL A 134 -22.34 9.92 -1.02
C VAL A 134 -21.51 8.68 -1.33
N ASP A 135 -20.67 8.79 -2.35
CA ASP A 135 -19.52 7.87 -2.54
C ASP A 135 -18.39 8.42 -1.64
N LEU A 136 -18.22 7.81 -0.49
CA LEU A 136 -17.23 8.30 0.51
C LEU A 136 -15.83 8.14 -0.07
N LYS A 137 -15.61 7.15 -0.93
CA LYS A 137 -14.28 6.95 -1.59
C LYS A 137 -14.01 8.16 -2.49
N ALA A 138 -14.79 8.34 -3.57
CA ALA A 138 -14.60 9.45 -4.54
C ALA A 138 -14.52 10.82 -3.85
N ASP A 139 -15.38 11.09 -2.86
CA ASP A 139 -15.62 12.47 -2.35
C ASP A 139 -14.77 12.77 -1.11
N PHE A 140 -14.27 11.77 -0.40
CA PHE A 140 -13.52 11.99 0.87
C PHE A 140 -12.16 11.28 0.82
N ALA A 141 -12.16 9.95 0.84
CA ALA A 141 -10.92 9.15 1.03
C ALA A 141 -9.96 9.41 -0.17
N TYR A 142 -10.49 9.59 -1.38
CA TYR A 142 -9.63 9.56 -2.60
C TYR A 142 -8.75 10.80 -2.63
N PRO A 143 -9.28 12.03 -2.45
CA PRO A 143 -8.45 13.20 -2.57
C PRO A 143 -7.45 13.31 -1.41
N LEU A 144 -7.79 12.82 -0.22
CA LEU A 144 -7.09 13.23 1.03
C LEU A 144 -5.59 12.95 0.86
N PRO A 145 -5.16 11.70 0.52
CA PRO A 145 -3.73 11.38 0.44
C PRO A 145 -2.96 12.13 -0.65
N MET A 146 -3.64 12.54 -1.73
CA MET A 146 -3.02 13.39 -2.76
C MET A 146 -2.68 14.76 -2.17
N TYR A 147 -3.63 15.45 -1.51
CA TYR A 147 -3.36 16.76 -0.89
C TYR A 147 -2.25 16.61 0.17
N VAL A 148 -2.29 15.54 0.96
CA VAL A 148 -1.28 15.32 2.05
C VAL A 148 0.12 15.15 1.44
N VAL A 149 0.26 14.31 0.43
CA VAL A 149 1.61 13.96 -0.07
C VAL A 149 2.14 15.18 -0.82
N ALA A 150 1.26 15.90 -1.54
CA ALA A 150 1.70 17.13 -2.21
C ALA A 150 2.30 18.11 -1.17
N ASP A 151 1.60 18.28 -0.06
CA ASP A 151 2.01 19.20 1.01
C ASP A 151 3.32 18.70 1.65
N LEU A 152 3.40 17.41 2.00
CA LEU A 152 4.62 16.75 2.55
C LEU A 152 5.81 17.01 1.63
N MET A 153 5.63 16.83 0.32
CA MET A 153 6.71 16.89 -0.67
C MET A 153 7.04 18.32 -1.07
N GLY A 154 6.22 19.28 -0.68
CA GLY A 154 6.45 20.72 -0.98
C GLY A 154 6.09 21.06 -2.44
N ILE A 155 5.25 20.29 -3.09
CA ILE A 155 4.81 20.58 -4.48
C ILE A 155 3.98 21.88 -4.47
N ASP A 156 4.29 22.74 -5.43
CA ASP A 156 3.60 24.05 -5.69
C ASP A 156 2.09 23.84 -5.63
N GLU A 157 1.39 24.54 -4.72
CA GLU A 157 -0.08 24.34 -4.50
C GLU A 157 -0.82 24.77 -5.78
N ALA A 158 -0.21 25.55 -6.65
CA ALA A 158 -0.80 25.93 -7.96
C ALA A 158 -1.06 24.69 -8.81
N ARG A 159 -0.33 23.59 -8.56
CA ARG A 159 -0.33 22.39 -9.43
C ARG A 159 -1.45 21.43 -9.05
N LEU A 160 -2.10 21.62 -7.91
CA LEU A 160 -3.02 20.59 -7.35
C LEU A 160 -4.16 20.24 -8.33
N PRO A 161 -4.79 21.21 -9.04
CA PRO A 161 -5.84 20.84 -10.00
C PRO A 161 -5.34 19.88 -11.10
N ARG A 162 -4.09 20.02 -11.54
CA ARG A 162 -3.54 19.10 -12.55
C ARG A 162 -3.14 17.77 -11.89
N LEU A 163 -2.53 17.83 -10.70
CA LEU A 163 -2.14 16.62 -9.92
C LEU A 163 -3.32 15.65 -9.80
N GLY A 164 -4.53 16.16 -9.52
CA GLY A 164 -5.76 15.34 -9.43
C GLY A 164 -6.04 14.63 -10.74
N GLU A 165 -5.85 15.30 -11.88
CA GLU A 165 -6.06 14.69 -13.21
C GLU A 165 -4.95 13.65 -13.50
N LEU A 166 -3.68 13.97 -13.21
CA LEU A 166 -2.55 13.03 -13.39
C LEU A 166 -2.71 11.81 -12.48
N PHE A 167 -3.11 11.96 -11.21
CA PHE A 167 -3.27 10.80 -10.31
C PHE A 167 -4.34 9.88 -10.90
N GLU A 168 -5.48 10.45 -11.28
CA GLU A 168 -6.65 9.74 -11.85
C GLU A 168 -6.17 8.90 -13.03
N LYS A 169 -5.44 9.51 -13.96
CA LYS A 169 -4.92 8.84 -15.17
C LYS A 169 -3.97 7.72 -14.77
N PHE A 170 -3.03 8.01 -13.89
CA PHE A 170 -1.99 7.05 -13.48
C PHE A 170 -2.62 5.83 -12.78
N PHE A 171 -3.62 6.00 -11.92
CA PHE A 171 -4.13 4.85 -11.13
C PHE A 171 -5.32 4.18 -11.83
N SER A 172 -5.73 4.64 -13.01
CA SER A 172 -6.93 4.10 -13.73
C SER A 172 -6.55 2.90 -14.58
N THR A 173 -7.38 1.85 -14.54
CA THR A 173 -7.37 0.69 -15.45
C THR A 173 -7.54 1.14 -16.91
N GLN A 174 -8.43 2.10 -17.16
CA GLN A 174 -8.88 2.46 -18.52
C GLN A 174 -7.78 3.17 -19.29
N THR A 175 -6.79 3.75 -18.59
CA THR A 175 -5.75 4.59 -19.21
C THR A 175 -5.02 3.78 -20.29
N PRO A 176 -4.98 4.29 -21.55
CA PRO A 176 -4.29 3.62 -22.67
C PRO A 176 -2.85 3.14 -22.44
N PRO A 177 -1.97 3.13 -23.48
CA PRO A 177 -0.53 3.01 -23.29
C PRO A 177 0.26 4.33 -23.38
N ALA A 178 0.03 5.13 -24.43
CA ALA A 178 0.72 6.41 -24.75
C ALA A 178 0.04 7.58 -24.00
N GLU A 179 -1.06 7.30 -23.32
CA GLU A 179 -1.61 8.13 -22.21
C GLU A 179 -0.74 7.89 -20.97
N VAL A 180 -0.54 6.61 -20.60
CA VAL A 180 0.12 6.18 -19.32
C VAL A 180 1.55 6.75 -19.26
N ILE A 181 2.23 6.80 -20.40
CA ILE A 181 3.65 7.27 -20.47
C ILE A 181 3.68 8.81 -20.60
N ALA A 182 2.66 9.45 -21.19
CA ALA A 182 2.57 10.93 -21.16
C ALA A 182 2.30 11.40 -19.72
N THR A 183 1.55 10.63 -18.93
CA THR A 183 1.19 10.89 -17.51
C THR A 183 2.44 10.78 -16.65
N LEU A 184 3.20 9.69 -16.77
CA LEU A 184 4.46 9.45 -16.03
C LEU A 184 5.48 10.57 -16.28
N THR A 185 5.67 10.97 -17.53
CA THR A 185 6.55 12.10 -17.98
C THR A 185 6.11 13.41 -17.33
N GLU A 186 4.82 13.73 -17.36
CA GLU A 186 4.33 14.98 -16.75
C GLU A 186 4.56 14.91 -15.22
N LEU A 187 4.32 13.77 -14.58
CA LEU A 187 4.53 13.67 -13.11
C LEU A 187 6.02 13.87 -12.77
N ALA A 188 6.92 13.22 -13.50
CA ALA A 188 8.39 13.33 -13.25
C ALA A 188 8.86 14.77 -13.47
N GLY A 189 8.27 15.46 -14.44
CA GLY A 189 8.52 16.90 -14.67
C GLY A 189 8.14 17.74 -13.46
N ILE A 190 6.99 17.47 -12.85
CA ILE A 190 6.56 18.17 -11.61
C ILE A 190 7.54 17.84 -10.47
N MET A 191 7.94 16.57 -10.34
CA MET A 191 8.92 16.20 -9.27
C MET A 191 10.25 16.92 -9.54
N ALA A 192 10.74 16.92 -10.79
CA ALA A 192 12.04 17.59 -11.10
C ALA A 192 11.91 19.08 -10.79
N GLU A 193 10.77 19.72 -11.14
CA GLU A 193 10.58 21.17 -10.87
C GLU A 193 10.65 21.42 -9.36
N THR A 194 10.05 20.51 -8.57
CA THR A 194 9.99 20.62 -7.09
C THR A 194 11.42 20.49 -6.52
N VAL A 195 12.19 19.53 -7.02
CA VAL A 195 13.56 19.29 -6.51
C VAL A 195 14.38 20.55 -6.82
N ALA A 196 14.29 21.10 -8.03
CA ALA A 196 15.08 22.31 -8.39
C ALA A 196 14.63 23.53 -7.57
N ALA A 197 13.34 23.69 -7.33
CA ALA A 197 12.81 24.80 -6.50
C ALA A 197 13.39 24.70 -5.08
N LYS A 198 13.47 23.49 -4.51
CA LYS A 198 13.89 23.32 -3.09
C LYS A 198 15.41 23.44 -2.95
N ARG A 199 16.17 23.07 -3.96
CA ARG A 199 17.63 23.36 -3.97
C ARG A 199 17.84 24.88 -3.90
N ALA A 200 17.03 25.66 -4.64
CA ALA A 200 17.17 27.14 -4.72
C ALA A 200 16.66 27.78 -3.42
N ALA A 201 15.68 27.16 -2.76
CA ALA A 201 15.03 27.70 -1.57
C ALA A 201 14.66 26.55 -0.63
N PRO A 202 15.62 25.99 0.13
CA PRO A 202 15.33 24.90 1.04
C PRO A 202 14.22 25.29 2.02
N GLY A 203 13.36 24.33 2.36
CA GLY A 203 12.21 24.55 3.26
C GLY A 203 12.00 23.39 4.20
N ASP A 204 10.83 23.34 4.84
CA ASP A 204 10.43 22.30 5.82
C ASP A 204 9.52 21.33 5.06
N ASP A 205 10.13 20.55 4.18
CA ASP A 205 9.36 19.59 3.36
C ASP A 205 10.27 18.40 3.08
N LEU A 206 9.67 17.29 2.68
CA LEU A 206 10.36 16.02 2.45
C LEU A 206 11.38 16.21 1.34
N THR A 207 11.04 16.98 0.29
CA THR A 207 11.92 17.14 -0.88
C THR A 207 13.20 17.82 -0.42
N SER A 208 13.09 18.91 0.35
CA SER A 208 14.25 19.62 0.95
C SER A 208 15.09 18.64 1.78
N ALA A 209 14.45 17.80 2.58
CA ALA A 209 15.15 16.85 3.48
C ALA A 209 15.85 15.77 2.63
N LEU A 210 15.24 15.34 1.53
CA LEU A 210 15.86 14.33 0.65
C LEU A 210 17.10 14.92 -0.03
N ILE A 211 17.08 16.20 -0.36
CA ILE A 211 18.28 16.88 -0.94
C ILE A 211 19.39 16.93 0.14
N LEU A 212 19.03 17.25 1.37
CA LEU A 212 20.00 17.47 2.48
C LEU A 212 20.58 16.13 2.99
N ALA A 213 19.82 15.03 2.92
CA ALA A 213 20.22 13.74 3.53
C ALA A 213 21.64 13.38 3.10
N SER A 214 22.45 12.95 4.06
CA SER A 214 23.80 12.46 3.72
C SER A 214 24.34 11.56 4.84
N GLU A 215 25.24 10.70 4.44
CA GLU A 215 25.91 9.69 5.29
C GLU A 215 27.38 9.75 4.91
N ASP A 216 28.22 10.42 5.69
CA ASP A 216 29.68 10.47 5.44
C ASP A 216 29.93 11.12 4.08
N GLY A 217 29.20 12.16 3.73
CA GLY A 217 29.31 12.86 2.43
C GLY A 217 28.59 12.17 1.29
N ASP A 218 28.00 10.98 1.51
CA ASP A 218 27.21 10.30 0.47
C ASP A 218 25.81 10.91 0.52
N HIS A 219 25.17 11.14 -0.63
CA HIS A 219 23.84 11.78 -0.73
C HIS A 219 23.15 11.30 -2.00
N LEU A 220 21.84 11.50 -2.08
CA LEU A 220 21.04 11.06 -3.23
C LEU A 220 21.34 11.95 -4.45
N THR A 221 21.44 11.33 -5.63
CA THR A 221 21.47 12.02 -6.95
C THR A 221 20.09 12.61 -7.21
N ASP A 222 19.96 13.56 -8.14
CA ASP A 222 18.63 14.11 -8.52
C ASP A 222 17.72 12.96 -8.96
N ALA A 223 18.25 12.04 -9.78
CA ALA A 223 17.49 10.92 -10.38
C ALA A 223 16.95 10.01 -9.24
N GLU A 224 17.72 9.88 -8.17
CA GLU A 224 17.35 9.06 -7.00
C GLU A 224 16.27 9.79 -6.18
N ILE A 225 16.39 11.10 -6.01
CA ILE A 225 15.34 11.90 -5.34
C ILE A 225 14.05 11.81 -6.16
N VAL A 226 14.10 12.05 -7.47
CA VAL A 226 12.86 12.02 -8.28
C VAL A 226 12.24 10.61 -8.23
N SER A 227 13.05 9.58 -8.40
CA SER A 227 12.63 8.15 -8.30
C SER A 227 11.89 7.92 -6.97
N THR A 228 12.49 8.35 -5.85
CA THR A 228 11.91 8.20 -4.50
C THR A 228 10.53 8.87 -4.42
N LEU A 229 10.40 10.11 -4.87
CA LEU A 229 9.11 10.87 -4.78
C LEU A 229 8.05 10.17 -5.62
N GLN A 230 8.43 9.69 -6.81
CA GLN A 230 7.46 8.99 -7.68
C GLN A 230 7.03 7.69 -6.99
N LEU A 231 7.99 6.93 -6.45
CA LEU A 231 7.72 5.61 -5.83
C LEU A 231 6.77 5.83 -4.64
N MET A 232 6.97 6.87 -3.87
CA MET A 232 6.09 7.17 -2.70
C MET A 232 4.64 7.49 -3.10
N VAL A 233 4.43 8.23 -4.19
CA VAL A 233 3.08 8.46 -4.76
C VAL A 233 2.46 7.13 -5.18
N ALA A 234 3.20 6.33 -5.94
CA ALA A 234 2.73 5.05 -6.49
C ALA A 234 2.40 4.09 -5.34
N ALA A 235 3.23 4.03 -4.32
CA ALA A 235 3.11 3.04 -3.22
C ALA A 235 2.06 3.48 -2.19
N GLY A 236 1.86 4.80 -2.05
CA GLY A 236 1.17 5.44 -0.89
C GLY A 236 -0.26 5.90 -1.13
N HIS A 237 -0.68 6.10 -2.38
CA HIS A 237 -1.96 6.81 -2.70
C HIS A 237 -3.15 5.87 -2.53
N GLU A 238 -3.22 4.80 -3.31
CA GLU A 238 -4.44 3.95 -3.30
C GLU A 238 -4.46 3.05 -2.07
N THR A 239 -3.28 2.68 -1.54
CA THR A 239 -3.15 1.88 -0.31
C THR A 239 -3.76 2.68 0.86
N THR A 240 -3.41 3.97 1.01
CA THR A 240 -3.93 4.80 2.14
C THR A 240 -5.45 4.96 1.97
N ILE A 241 -5.91 5.20 0.75
CA ILE A 241 -7.38 5.31 0.43
C ILE A 241 -8.08 4.05 0.91
N SER A 242 -7.60 2.87 0.52
CA SER A 242 -8.22 1.57 0.87
C SER A 242 -8.15 1.28 2.37
N LEU A 243 -7.15 1.79 3.09
CA LEU A 243 -7.13 1.66 4.56
C LEU A 243 -8.32 2.41 5.19
N ILE A 244 -8.57 3.64 4.78
CA ILE A 244 -9.71 4.49 5.24
C ILE A 244 -11.03 3.81 4.82
N VAL A 245 -11.14 3.37 3.55
CA VAL A 245 -12.36 2.67 3.04
C VAL A 245 -12.59 1.43 3.87
N ASN A 246 -11.59 0.58 4.00
CA ASN A 246 -11.78 -0.70 4.71
C ASN A 246 -12.15 -0.46 6.18
N ALA A 247 -11.63 0.58 6.83
CA ALA A 247 -11.97 0.86 8.25
C ALA A 247 -13.47 1.18 8.38
N VAL A 248 -13.98 2.06 7.52
CA VAL A 248 -15.42 2.45 7.45
C VAL A 248 -16.26 1.19 7.15
N VAL A 249 -15.83 0.35 6.21
CA VAL A 249 -16.61 -0.89 5.86
C VAL A 249 -16.63 -1.82 7.06
N ASN A 250 -15.49 -2.03 7.70
CA ASN A 250 -15.37 -2.94 8.86
C ASN A 250 -16.22 -2.42 10.05
N LEU A 251 -16.20 -1.10 10.33
CA LEU A 251 -16.99 -0.51 11.44
C LEU A 251 -18.49 -0.62 11.08
N SER A 252 -18.87 -0.32 9.85
CA SER A 252 -20.26 -0.47 9.36
C SER A 252 -20.78 -1.90 9.60
N THR A 253 -19.97 -2.93 9.36
CA THR A 253 -20.41 -4.35 9.39
C THR A 253 -20.16 -4.91 10.77
N HIS A 254 -19.52 -4.17 11.68
CA HIS A 254 -19.35 -4.67 13.08
C HIS A 254 -19.87 -3.62 14.06
N PRO A 255 -21.20 -3.33 14.02
CA PRO A 255 -21.75 -2.12 14.65
C PRO A 255 -21.50 -2.02 16.17
N GLU A 256 -21.24 -3.13 16.86
CA GLU A 256 -20.98 -3.16 18.34
C GLU A 256 -19.56 -2.68 18.62
N GLN A 257 -18.61 -2.92 17.72
CA GLN A 257 -17.24 -2.35 17.81
C GLN A 257 -17.28 -0.88 17.38
N ARG A 258 -18.12 -0.50 16.42
CA ARG A 258 -18.31 0.94 16.06
C ARG A 258 -18.74 1.68 17.33
N ALA A 259 -19.72 1.11 18.04
CA ALA A 259 -20.22 1.64 19.33
C ALA A 259 -19.04 1.85 20.29
N LEU A 260 -18.13 0.87 20.39
CA LEU A 260 -17.02 0.90 21.38
C LEU A 260 -16.10 2.08 21.06
N VAL A 261 -15.75 2.28 19.78
CA VAL A 261 -14.77 3.35 19.45
C VAL A 261 -15.49 4.71 19.56
N LEU A 262 -16.71 4.83 19.06
CA LEU A 262 -17.49 6.11 19.09
C LEU A 262 -17.76 6.51 20.54
N SER A 263 -17.99 5.55 21.44
CA SER A 263 -18.20 5.82 22.89
C SER A 263 -16.89 6.24 23.56
N GLY A 264 -15.72 5.85 23.02
CA GLY A 264 -14.42 6.18 23.62
C GLY A 264 -13.83 5.05 24.46
N GLU A 265 -14.51 3.91 24.54
CA GLU A 265 -13.97 2.66 25.15
C GLU A 265 -12.69 2.23 24.41
N ALA A 266 -12.74 2.17 23.07
CA ALA A 266 -11.62 1.74 22.20
C ALA A 266 -11.06 2.95 21.44
N ASP A 267 -9.73 2.99 21.28
CA ASP A 267 -9.07 4.08 20.52
C ASP A 267 -9.09 3.77 19.01
N TRP A 268 -8.97 4.82 18.21
CA TRP A 268 -9.00 4.71 16.73
C TRP A 268 -7.79 3.91 16.24
N SER A 269 -6.66 4.02 16.91
CA SER A 269 -5.45 3.26 16.54
C SER A 269 -5.79 1.76 16.49
N SER A 270 -6.66 1.28 17.39
CA SER A 270 -7.01 -0.16 17.44
C SER A 270 -7.85 -0.52 16.21
N VAL A 271 -8.66 0.40 15.69
CA VAL A 271 -9.46 0.18 14.45
C VAL A 271 -8.50 0.12 13.26
N VAL A 272 -7.49 0.99 13.23
CA VAL A 272 -6.56 1.12 12.05
C VAL A 272 -5.72 -0.16 11.99
N GLU A 273 -5.11 -0.53 13.12
CA GLU A 273 -4.21 -1.72 13.20
C GLU A 273 -5.00 -2.98 12.86
N GLU A 274 -6.25 -3.09 13.31
CA GLU A 274 -7.09 -4.28 13.03
C GLU A 274 -7.50 -4.32 11.56
N THR A 275 -7.76 -3.17 10.93
CA THR A 275 -8.11 -3.08 9.50
C THR A 275 -6.88 -3.50 8.68
N LEU A 276 -5.69 -3.08 9.10
CA LEU A 276 -4.41 -3.43 8.41
C LEU A 276 -4.19 -4.95 8.42
N ARG A 277 -4.40 -5.60 9.57
CA ARG A 277 -4.25 -7.09 9.72
C ARG A 277 -5.39 -7.79 8.96
N TYR A 278 -6.64 -7.43 9.24
CA TYR A 278 -7.83 -8.22 8.82
C TYR A 278 -8.09 -7.96 7.34
N SER A 279 -7.78 -6.75 6.84
CA SER A 279 -8.24 -6.29 5.53
C SER A 279 -7.22 -5.32 4.92
N THR A 280 -5.97 -5.79 4.83
CA THR A 280 -4.87 -4.98 4.26
C THR A 280 -5.30 -4.51 2.88
N PRO A 281 -4.99 -3.25 2.56
CA PRO A 281 -5.10 -2.74 1.20
C PRO A 281 -4.25 -3.51 0.15
N THR A 282 -3.17 -4.18 0.55
CA THR A 282 -2.21 -4.82 -0.39
C THR A 282 -2.26 -6.33 -0.15
N SER A 283 -3.01 -7.02 -1.00
CA SER A 283 -3.21 -8.49 -0.92
C SER A 283 -1.90 -9.22 -1.27
N HIS A 284 -1.18 -8.77 -2.28
CA HIS A 284 0.03 -9.48 -2.74
C HIS A 284 1.09 -8.45 -3.10
N VAL A 285 2.35 -8.73 -2.79
CA VAL A 285 3.46 -7.92 -3.33
C VAL A 285 4.34 -8.79 -4.24
N LEU A 286 4.46 -8.32 -5.46
CA LEU A 286 5.46 -8.75 -6.48
C LEU A 286 6.72 -7.92 -6.26
N ILE A 287 7.91 -8.53 -6.38
CA ILE A 287 8.14 -9.95 -6.64
C ILE A 287 9.59 -10.19 -6.19
N ARG A 288 9.90 -11.40 -5.73
CA ARG A 288 11.23 -11.80 -5.27
C ARG A 288 11.67 -13.06 -6.01
N PHE A 289 12.97 -13.29 -6.09
CA PHE A 289 13.57 -14.42 -6.86
C PHE A 289 14.66 -15.06 -5.99
N ALA A 290 14.72 -16.38 -5.96
CA ALA A 290 15.71 -17.10 -5.14
C ALA A 290 17.05 -17.21 -5.89
N THR A 291 18.13 -16.82 -5.24
CA THR A 291 19.52 -16.97 -5.75
C THR A 291 20.02 -18.41 -5.55
N GLU A 292 19.39 -19.18 -4.67
CA GLU A 292 19.74 -20.58 -4.33
C GLU A 292 18.48 -21.30 -3.88
N ASP A 293 18.50 -22.62 -3.78
CA ASP A 293 17.31 -23.36 -3.25
C ASP A 293 17.06 -22.86 -1.82
N VAL A 294 15.80 -22.58 -1.44
CA VAL A 294 15.49 -22.09 -0.08
C VAL A 294 14.44 -22.98 0.56
N PRO A 295 14.76 -23.67 1.68
CA PRO A 295 13.76 -24.44 2.42
C PRO A 295 12.69 -23.53 3.01
N VAL A 296 11.42 -23.84 2.75
CA VAL A 296 10.23 -23.19 3.36
C VAL A 296 9.33 -24.31 3.87
N GLY A 297 9.32 -24.55 5.18
CA GLY A 297 8.55 -25.66 5.76
C GLY A 297 9.08 -26.98 5.19
N ASP A 298 8.23 -27.76 4.54
CA ASP A 298 8.65 -29.09 4.02
C ASP A 298 8.64 -29.03 2.49
N LYS A 299 8.79 -27.83 1.91
CA LYS A 299 8.96 -27.64 0.45
C LYS A 299 10.30 -26.97 0.20
N VAL A 300 10.70 -26.88 -1.06
CA VAL A 300 11.94 -26.13 -1.45
C VAL A 300 11.49 -25.06 -2.42
N LEU A 301 11.86 -23.81 -2.16
CA LEU A 301 11.74 -22.74 -3.18
C LEU A 301 12.98 -22.87 -4.07
N PRO A 302 12.84 -23.35 -5.32
CA PRO A 302 14.02 -23.62 -6.15
C PRO A 302 14.70 -22.32 -6.61
N ALA A 303 16.04 -22.31 -6.65
CA ALA A 303 16.86 -21.29 -7.33
C ALA A 303 16.19 -20.86 -8.65
N GLY A 304 16.03 -19.54 -8.87
CA GLY A 304 15.52 -18.96 -10.11
C GLY A 304 14.00 -18.90 -10.15
N ASP A 305 13.31 -19.49 -9.18
CA ASP A 305 11.84 -19.34 -9.05
C ASP A 305 11.46 -17.99 -8.37
N ALA A 306 10.22 -17.58 -8.61
CA ALA A 306 9.60 -16.32 -8.15
C ALA A 306 8.77 -16.55 -6.88
N LEU A 307 8.70 -15.52 -6.05
CA LEU A 307 7.96 -15.51 -4.76
C LEU A 307 7.20 -14.18 -4.65
N ILE A 308 5.90 -14.27 -4.43
CA ILE A 308 5.05 -13.13 -4.02
C ILE A 308 4.76 -13.29 -2.53
N VAL A 309 4.57 -12.18 -1.84
CA VAL A 309 4.19 -12.21 -0.42
C VAL A 309 2.70 -11.90 -0.33
N SER A 310 1.94 -12.85 0.25
CA SER A 310 0.45 -12.82 0.28
C SER A 310 -0.05 -12.23 1.61
N TYR A 311 0.15 -10.92 1.79
CA TYR A 311 -0.13 -10.16 3.02
C TYR A 311 -1.60 -10.34 3.40
N GLY A 312 -2.48 -10.25 2.40
CA GLY A 312 -3.92 -10.48 2.49
C GLY A 312 -4.24 -11.78 3.21
N ALA A 313 -3.87 -12.91 2.60
CA ALA A 313 -4.01 -14.27 3.18
C ALA A 313 -3.40 -14.34 4.58
N LEU A 314 -2.14 -13.92 4.76
CA LEU A 314 -1.47 -14.23 6.04
C LEU A 314 -1.93 -13.29 7.15
N GLY A 315 -2.62 -12.20 6.83
CA GLY A 315 -3.17 -11.32 7.88
C GLY A 315 -4.10 -12.10 8.81
N ARG A 316 -4.83 -13.07 8.26
CA ARG A 316 -5.77 -13.92 9.06
C ARG A 316 -5.16 -15.29 9.35
N ASP A 317 -3.88 -15.34 9.71
CA ASP A 317 -3.14 -16.60 10.02
C ASP A 317 -3.48 -16.98 11.46
N GLU A 318 -4.09 -18.15 11.66
CA GLU A 318 -4.48 -18.61 13.03
C GLU A 318 -3.24 -18.91 13.86
N ALA A 319 -2.13 -19.34 13.23
CA ALA A 319 -0.86 -19.60 13.97
C ALA A 319 -0.34 -18.31 14.62
N ALA A 320 -0.66 -17.13 14.07
CA ALA A 320 -0.07 -15.85 14.52
C ALA A 320 -1.02 -15.19 15.52
N HIS A 321 -2.32 -15.26 15.25
CA HIS A 321 -3.37 -14.39 15.87
C HIS A 321 -4.41 -15.25 16.61
N GLY A 322 -4.36 -16.57 16.50
CA GLY A 322 -5.20 -17.51 17.27
C GLY A 322 -6.49 -17.87 16.55
N PRO A 323 -7.45 -18.53 17.26
CA PRO A 323 -8.72 -18.94 16.66
C PRO A 323 -9.59 -17.83 16.04
N THR A 324 -9.53 -16.60 16.56
CA THR A 324 -10.34 -15.44 16.08
C THR A 324 -9.68 -14.77 14.85
N ALA A 325 -8.50 -15.23 14.40
CA ALA A 325 -7.70 -14.52 13.37
C ALA A 325 -8.64 -14.16 12.24
N GLY A 326 -9.63 -15.04 11.98
CA GLY A 326 -10.53 -14.91 10.84
C GLY A 326 -11.60 -13.84 11.02
N GLU A 327 -11.68 -13.20 12.18
CA GLU A 327 -12.70 -12.16 12.49
C GLU A 327 -12.05 -10.79 12.73
N PHE A 328 -12.78 -9.73 12.43
CA PHE A 328 -12.48 -8.32 12.82
C PHE A 328 -12.80 -8.14 14.31
N ASP A 329 -11.77 -7.95 15.15
CA ASP A 329 -11.93 -7.60 16.58
C ASP A 329 -10.89 -6.53 16.96
N ILE A 330 -11.31 -5.27 17.06
CA ILE A 330 -10.40 -4.15 17.46
C ILE A 330 -9.95 -4.31 18.91
N THR A 331 -10.60 -5.17 19.71
CA THR A 331 -10.21 -5.42 21.12
C THR A 331 -9.12 -6.48 21.20
N ARG A 332 -8.88 -7.26 20.14
CA ARG A 332 -7.96 -8.43 20.22
C ARG A 332 -6.59 -7.97 20.75
N SER A 333 -5.89 -8.85 21.45
CA SER A 333 -4.43 -8.79 21.72
C SER A 333 -3.82 -9.91 20.91
N THR A 334 -2.72 -9.65 20.21
CA THR A 334 -1.93 -10.69 19.51
C THR A 334 -0.48 -10.55 20.01
N GLU A 335 0.18 -11.68 20.31
CA GLU A 335 1.63 -11.75 20.65
C GLU A 335 2.45 -11.44 19.38
N ASN A 336 1.78 -11.36 18.23
CA ASN A 336 2.40 -11.18 16.89
C ASN A 336 1.79 -9.95 16.20
N ARG A 337 2.45 -8.82 16.28
CA ARG A 337 2.19 -7.61 15.46
C ARG A 337 1.97 -8.03 14.01
N HIS A 338 0.96 -7.46 13.35
CA HIS A 338 0.69 -7.65 11.91
C HIS A 338 1.92 -7.19 11.10
N ILE A 339 2.12 -7.74 9.91
CA ILE A 339 3.27 -7.38 9.03
C ILE A 339 2.69 -6.81 7.75
N SER A 340 1.55 -6.15 7.84
CA SER A 340 0.89 -5.59 6.63
C SER A 340 1.72 -4.46 6.02
N PHE A 341 2.74 -3.95 6.72
CA PHE A 341 3.69 -2.93 6.17
C PHE A 341 4.96 -3.61 5.70
N GLY A 342 4.95 -4.94 5.64
CA GLY A 342 6.15 -5.70 5.33
C GLY A 342 7.00 -5.94 6.55
N HIS A 343 8.24 -6.36 6.33
CA HIS A 343 9.17 -6.77 7.38
C HIS A 343 10.57 -6.88 6.77
N GLY A 344 11.61 -6.64 7.58
CA GLY A 344 13.02 -6.66 7.17
C GLY A 344 13.38 -5.41 6.37
N PRO A 345 14.41 -5.49 5.51
CA PRO A 345 14.93 -4.28 4.88
C PRO A 345 13.92 -3.46 4.07
N HIS A 346 12.97 -4.11 3.40
CA HIS A 346 12.04 -3.42 2.45
C HIS A 346 10.80 -2.93 3.18
N VAL A 347 10.78 -3.00 4.52
CA VAL A 347 9.60 -2.52 5.31
C VAL A 347 9.10 -1.14 4.83
N CYS A 348 7.81 -0.95 4.76
CA CYS A 348 7.19 0.30 4.28
C CYS A 348 7.76 1.51 5.03
N PRO A 349 8.38 2.49 4.33
CA PRO A 349 8.81 3.74 4.96
C PRO A 349 7.67 4.72 5.20
N GLY A 350 6.47 4.49 4.64
CA GLY A 350 5.30 5.36 4.79
C GLY A 350 4.36 4.93 5.91
N ALA A 351 4.69 3.91 6.70
CA ALA A 351 3.75 3.32 7.68
C ALA A 351 3.25 4.41 8.65
N ALA A 352 4.15 5.26 9.17
CA ALA A 352 3.74 6.30 10.12
C ALA A 352 2.77 7.26 9.43
N LEU A 353 3.01 7.60 8.16
CA LEU A 353 2.17 8.58 7.46
C LEU A 353 0.79 8.01 7.21
N SER A 354 0.66 6.78 6.70
CA SER A 354 -0.67 6.18 6.41
C SER A 354 -1.45 5.97 7.73
N ARG A 355 -0.76 5.67 8.83
CA ARG A 355 -1.40 5.51 10.17
C ARG A 355 -1.93 6.88 10.65
N LEU A 356 -1.19 7.94 10.38
CA LEU A 356 -1.60 9.30 10.78
C LEU A 356 -2.77 9.75 9.92
N GLU A 357 -2.72 9.56 8.60
CA GLU A 357 -3.83 9.96 7.70
C GLU A 357 -5.13 9.27 8.15
N ALA A 358 -5.09 7.97 8.36
CA ALA A 358 -6.30 7.23 8.77
C ALA A 358 -6.71 7.65 10.20
N GLY A 359 -5.74 7.84 11.09
CA GLY A 359 -5.97 8.22 12.50
C GLY A 359 -6.58 9.59 12.64
N VAL A 360 -6.34 10.49 11.69
CA VAL A 360 -6.98 11.83 11.66
C VAL A 360 -8.31 11.75 10.93
N ALA A 361 -8.37 11.10 9.76
CA ALA A 361 -9.56 11.10 8.89
C ALA A 361 -10.77 10.43 9.57
N LEU A 362 -10.56 9.30 10.21
CA LEU A 362 -11.67 8.44 10.70
C LEU A 362 -12.41 9.15 11.84
N PRO A 363 -11.75 9.57 12.93
CA PRO A 363 -12.43 10.33 13.99
C PRO A 363 -13.07 11.62 13.45
N ALA A 364 -12.42 12.33 12.52
CA ALA A 364 -12.97 13.57 11.91
C ALA A 364 -14.30 13.27 11.22
N LEU A 365 -14.34 12.21 10.42
CA LEU A 365 -15.54 11.78 9.64
C LEU A 365 -16.73 11.44 10.56
N TYR A 366 -16.52 10.60 11.58
CA TYR A 366 -17.56 10.16 12.54
C TYR A 366 -17.94 11.30 13.49
N ALA A 367 -17.06 12.29 13.70
CA ALA A 367 -17.38 13.54 14.45
C ALA A 367 -18.40 14.34 13.64
N ARG A 368 -18.22 14.48 12.34
CA ARG A 368 -19.18 15.18 11.46
C ARG A 368 -20.47 14.37 11.27
N PHE A 369 -20.36 13.05 11.18
CA PHE A 369 -21.49 12.19 10.76
C PHE A 369 -21.48 10.94 11.61
N PRO A 370 -21.81 11.03 12.91
CA PRO A 370 -21.68 9.89 13.81
C PRO A 370 -22.71 8.79 13.48
N LYS A 371 -23.71 9.07 12.65
CA LYS A 371 -24.72 8.03 12.26
C LYS A 371 -24.40 7.46 10.87
N LEU A 372 -23.24 7.80 10.29
CA LEU A 372 -22.95 7.37 8.90
C LEU A 372 -22.95 5.85 8.86
N ASP A 373 -23.55 5.29 7.82
CA ASP A 373 -23.52 3.84 7.51
C ASP A 373 -23.48 3.64 6.00
N LEU A 374 -23.26 2.38 5.57
CA LEU A 374 -23.32 1.94 4.15
C LEU A 374 -24.74 2.15 3.62
N ALA A 375 -24.88 2.80 2.47
CA ALA A 375 -26.13 3.04 1.72
C ALA A 375 -26.57 1.82 0.89
N VAL A 376 -25.83 0.70 0.96
CA VAL A 376 -26.07 -0.56 0.20
C VAL A 376 -25.54 -1.68 1.06
N PRO A 377 -26.08 -2.92 0.99
CA PRO A 377 -25.60 -3.99 1.87
C PRO A 377 -24.12 -4.28 1.57
N ALA A 378 -23.39 -4.78 2.57
CA ALA A 378 -21.95 -5.12 2.47
C ALA A 378 -21.75 -6.01 1.24
N ALA A 379 -22.68 -6.96 1.01
CA ALA A 379 -22.68 -7.95 -0.10
C ALA A 379 -22.53 -7.28 -1.47
N GLU A 380 -22.98 -6.04 -1.68
CA GLU A 380 -22.95 -5.36 -3.00
C GLU A 380 -21.68 -4.52 -3.22
N LEU A 381 -20.82 -4.35 -2.22
CA LEU A 381 -19.50 -3.70 -2.48
C LEU A 381 -18.71 -4.62 -3.42
N ARG A 382 -18.01 -4.10 -4.41
CA ARG A 382 -17.20 -4.94 -5.33
C ARG A 382 -15.73 -4.45 -5.36
N ASN A 383 -14.78 -5.39 -5.22
CA ASN A 383 -13.34 -5.12 -5.47
C ASN A 383 -13.11 -4.72 -6.92
N LYS A 384 -12.19 -3.79 -7.15
CA LYS A 384 -11.71 -3.46 -8.51
C LYS A 384 -10.93 -4.67 -9.07
N PRO A 385 -10.79 -4.77 -10.42
CA PRO A 385 -10.04 -5.86 -11.07
C PRO A 385 -8.54 -5.54 -11.07
N VAL A 386 -7.95 -5.68 -9.88
CA VAL A 386 -6.52 -5.41 -9.54
C VAL A 386 -6.08 -6.49 -8.57
N VAL A 387 -5.41 -7.53 -9.09
CA VAL A 387 -5.15 -8.80 -8.33
C VAL A 387 -4.27 -8.56 -7.08
N THR A 388 -3.40 -7.56 -7.09
CA THR A 388 -2.43 -7.30 -5.96
C THR A 388 -3.09 -6.46 -4.83
N GLN A 389 -4.19 -5.78 -5.12
CA GLN A 389 -4.75 -4.72 -4.23
C GLN A 389 -6.17 -5.13 -3.81
N ASN A 390 -6.60 -4.63 -2.66
CA ASN A 390 -7.93 -4.86 -2.04
C ASN A 390 -8.64 -3.50 -2.05
N ASP A 391 -9.06 -3.04 -3.23
CA ASP A 391 -9.60 -1.68 -3.49
C ASP A 391 -11.05 -1.85 -3.97
N LEU A 392 -12.01 -1.04 -3.47
CA LEU A 392 -13.43 -1.12 -3.90
C LEU A 392 -13.70 -0.10 -5.01
N PHE A 393 -14.66 -0.35 -5.91
CA PHE A 393 -15.04 0.65 -6.94
C PHE A 393 -15.58 1.89 -6.22
N GLU A 394 -16.37 1.71 -5.16
CA GLU A 394 -17.07 2.83 -4.48
C GLU A 394 -17.50 2.43 -3.06
N LEU A 395 -17.76 3.42 -2.22
CA LEU A 395 -18.25 3.22 -0.84
C LEU A 395 -19.47 4.11 -0.67
N PRO A 396 -20.66 3.64 -1.08
CA PRO A 396 -21.90 4.40 -0.86
C PRO A 396 -22.22 4.46 0.64
N VAL A 397 -22.31 5.66 1.21
CA VAL A 397 -22.69 5.82 2.65
C VAL A 397 -23.85 6.82 2.76
N ARG A 398 -24.76 6.52 3.68
CA ARG A 398 -25.81 7.42 4.20
C ARG A 398 -25.20 8.22 5.35
N LEU A 399 -24.95 9.51 5.12
CA LEU A 399 -24.26 10.40 6.10
C LEU A 399 -25.10 10.51 7.38
N GLY A 400 -26.44 10.54 7.26
CA GLY A 400 -27.36 10.76 8.40
C GLY A 400 -27.24 12.15 8.99
CHA HEM B . 6.73 -0.74 0.59
CHB HEM B . 2.31 -1.45 2.39
CHC HEM B . 1.48 3.29 2.44
CHD HEM B . 5.79 3.97 0.47
C1A HEM B . 5.65 -1.35 1.18
C2A HEM B . 5.58 -2.72 1.54
C3A HEM B . 4.33 -2.92 2.03
C4A HEM B . 3.63 -1.68 1.97
CMA HEM B . 3.83 -4.26 2.54
CAA HEM B . 6.64 -3.79 1.45
CBA HEM B . 6.42 -4.75 0.33
CGA HEM B . 7.44 -5.86 0.44
O1A HEM B . 7.06 -7.06 0.45
O2A HEM B . 8.66 -5.61 0.50
C1B HEM B . 1.67 -0.23 2.49
C2B HEM B . 0.33 -0.03 3.02
C3B HEM B . 0.07 1.30 2.99
C4B HEM B . 1.32 1.93 2.51
CMB HEM B . -0.63 -1.12 3.37
CAB HEM B . -1.10 2.08 3.43
CBB HEM B . -1.99 1.58 4.26
C1C HEM B . 2.60 3.91 1.92
C2C HEM B . 2.86 5.28 1.99
C3C HEM B . 4.10 5.46 1.43
C4C HEM B . 4.58 4.19 1.06
CMC HEM B . 1.87 6.35 2.57
CAC HEM B . 4.97 6.66 1.24
CBC HEM B . 4.83 7.82 1.79
C1D HEM B . 6.35 2.71 0.33
C2D HEM B . 7.63 2.54 -0.35
C3D HEM B . 7.89 1.23 -0.32
C4D HEM B . 6.76 0.63 0.37
CMD HEM B . 8.47 3.64 -0.94
CAD HEM B . 9.10 0.50 -0.86
CBD HEM B . 10.14 0.21 0.23
CGD HEM B . 11.34 -0.60 -0.24
O1D HEM B . 11.23 -1.53 -1.12
O2D HEM B . 12.48 -0.38 0.24
NA HEM B . 4.44 -0.69 1.47
NB HEM B . 2.23 0.97 2.30
NC HEM B . 3.68 3.25 1.42
ND HEM B . 5.82 1.56 0.70
FE HEM B . 4.19 1.30 1.66
C1 ASD C . 4.46 -1.26 -3.10
C10 ASD C . 3.81 -1.60 -4.46
C11 ASD C . 5.54 -0.08 -5.66
C12 ASD C . 5.84 0.93 -6.78
C13 ASD C . 5.17 0.56 -8.09
C14 ASD C . 3.66 0.44 -7.84
C15 ASD C . 3.04 0.43 -9.25
C16 ASD C . 3.91 1.45 -10.02
C17 ASD C . 5.17 1.63 -9.18
C18 ASD C . 5.83 -0.68 -8.77
C19 ASD C . 4.40 -2.93 -4.99
C2 ASD C . 3.86 -2.07 -1.94
C3 ASD C . 2.37 -1.94 -1.85
C4 ASD C . 1.68 -1.85 -3.13
C5 ASD C . 2.30 -1.77 -4.32
C6 ASD C . 1.49 -1.88 -5.59
C7 ASD C . 1.82 -0.76 -6.59
C8 ASD C . 3.32 -0.65 -6.82
C9 ASD C . 4.05 -0.42 -5.47
O1 ASD C . 1.75 -1.87 -0.79
O2 ASD C . 6.03 2.47 -9.36
C1 PEG D . 5.14 2.08 15.74
O1 PEG D . 5.59 3.29 16.34
C2 PEG D . 3.67 2.08 15.56
O2 PEG D . 3.12 0.78 15.80
C3 PEG D . 1.71 0.80 15.95
C4 PEG D . 1.35 0.83 17.40
O4 PEG D . 0.27 1.68 17.67
#